data_2R2V
#
_entry.id   2R2V
#
_cell.length_a   51.696
_cell.length_b   51.696
_cell.length_c   99.793
_cell.angle_alpha   90.00
_cell.angle_beta   90.00
_cell.angle_gamma   90.00
#
_symmetry.space_group_name_H-M   'P 43'
#
loop_
_entity.id
_entity.type
_entity.pdbx_description
1 polymer 'GCN4 leucine zipper'
2 non-polymer 'ZINC ION'
3 non-polymer 'ACETATE ION'
4 non-polymer 'CITRIC ACID'
5 water water
#
_entity_poly.entity_id   1
_entity_poly.type   'polypeptide(L)'
_entity_poly.pdbx_seq_one_letter_code
;MKLKQVADKLEEVASKLYHNANELARVAKLLGER
;
_entity_poly.pdbx_strand_id   A,B,C,D,E,F,G,H
#
# COMPACT_ATOMS: atom_id res chain seq x y z
N LYS A 2 20.13 3.11 16.93
CA LYS A 2 20.10 3.70 15.55
C LYS A 2 18.88 4.58 15.30
N LEU A 3 18.02 4.69 16.32
CA LEU A 3 16.72 5.35 16.14
C LEU A 3 16.79 6.82 15.76
N LYS A 4 17.89 7.49 16.12
CA LYS A 4 18.06 8.91 15.82
C LYS A 4 18.27 9.17 14.32
N GLN A 5 19.11 8.36 13.68
CA GLN A 5 19.30 8.39 12.24
C GLN A 5 18.02 8.02 11.49
N VAL A 6 17.32 7.01 12.00
CA VAL A 6 16.02 6.60 11.45
C VAL A 6 14.99 7.74 11.54
N ALA A 7 14.91 8.39 12.71
CA ALA A 7 14.04 9.55 12.89
C ALA A 7 14.34 10.62 11.83
N ASP A 8 15.62 10.91 11.61
CA ASP A 8 16.05 11.91 10.64
C ASP A 8 15.62 11.56 9.21
N LYS A 9 15.70 10.27 8.87
CA LYS A 9 15.30 9.79 7.55
C LYS A 9 13.79 9.99 7.31
N LEU A 10 13.00 9.63 8.32
CA LEU A 10 11.56 9.79 8.27
C LEU A 10 11.17 11.25 8.11
N GLU A 11 11.88 12.15 8.79
CA GLU A 11 11.67 13.58 8.64
C GLU A 11 11.99 14.07 7.22
N GLU A 12 13.05 13.53 6.62
CA GLU A 12 13.40 13.81 5.22
C GLU A 12 12.27 13.40 4.29
N VAL A 13 11.78 12.16 4.46
CA VAL A 13 10.70 11.64 3.62
C VAL A 13 9.43 12.45 3.85
N ALA A 14 9.14 12.78 5.10
CA ALA A 14 7.94 13.55 5.42
C ALA A 14 7.92 14.91 4.69
N SER A 15 9.07 15.60 4.69
CA SER A 15 9.21 16.87 3.97
C SER A 15 8.96 16.68 2.49
N LYS A 16 9.50 15.59 1.94
CA LYS A 16 9.36 15.28 0.53
C LYS A 16 7.90 15.03 0.17
N LEU A 17 7.20 14.28 1.00
CA LEU A 17 5.78 14.01 0.78
C LEU A 17 4.91 15.27 0.85
N TYR A 18 5.24 16.15 1.80
CA TYR A 18 4.55 17.43 1.94
C TYR A 18 4.73 18.27 0.67
N HIS A 19 5.95 18.30 0.16
CA HIS A 19 6.23 19.07 -1.03
C HIS A 19 5.52 18.51 -2.25
N ASN A 20 5.43 17.18 -2.33
CA ASN A 20 4.70 16.51 -3.41
C ASN A 20 3.19 16.76 -3.31
N ALA A 21 2.68 16.79 -2.07
CA ALA A 21 1.29 17.16 -1.85
C ALA A 21 1.01 18.57 -2.40
N ASN A 22 1.90 19.53 -2.10
CA ASN A 22 1.72 20.90 -2.60
C ASN A 22 1.66 20.91 -4.12
N GLU A 23 2.56 20.14 -4.72
CA GLU A 23 2.67 20.06 -6.18
C GLU A 23 1.38 19.50 -6.81
N LEU A 24 0.86 18.42 -6.24
CA LEU A 24 -0.39 17.82 -6.74
C LEU A 24 -1.60 18.73 -6.57
N ALA A 25 -1.68 19.44 -5.44
CA ALA A 25 -2.74 20.43 -5.21
C ALA A 25 -2.70 21.55 -6.24
N ARG A 26 -1.50 21.97 -6.61
CA ARG A 26 -1.33 23.01 -7.63
C ARG A 26 -1.82 22.49 -8.99
N VAL A 27 -1.41 21.26 -9.33
CA VAL A 27 -1.88 20.61 -10.56
C VAL A 27 -3.41 20.38 -10.55
N ALA A 28 -3.95 19.96 -9.42
CA ALA A 28 -5.40 19.77 -9.28
C ALA A 28 -6.17 21.07 -9.51
N LYS A 29 -5.70 22.16 -8.93
CA LYS A 29 -6.29 23.48 -9.16
C LYS A 29 -6.37 23.80 -10.65
N LEU A 30 -5.26 23.61 -11.36
CA LEU A 30 -5.17 23.92 -12.79
C LEU A 30 -6.13 23.09 -13.66
N LEU A 31 -6.23 21.79 -13.36
CA LEU A 31 -7.15 20.90 -14.06
C LEU A 31 -8.61 21.21 -13.77
N GLY A 32 -8.88 21.66 -12.55
CA GLY A 32 -10.24 21.97 -12.12
C GLY A 32 -10.77 23.25 -12.73
N GLU A 33 -9.85 24.12 -13.16
CA GLU A 33 -10.18 25.40 -13.78
C GLU A 33 -10.57 25.27 -15.26
N ARG A 34 -10.45 24.05 -15.78
CA ARG A 34 -10.76 23.78 -17.18
C ARG A 34 -12.27 23.74 -17.46
N MET B 1 -1.90 24.56 -18.53
CA MET B 1 -1.01 23.56 -19.21
C MET B 1 -1.80 22.47 -19.91
N LYS B 2 -1.31 22.06 -21.08
CA LYS B 2 -1.85 20.93 -21.85
C LYS B 2 -1.86 19.66 -21.00
N LEU B 3 -2.77 18.74 -21.33
CA LEU B 3 -2.89 17.48 -20.59
C LEU B 3 -1.60 16.65 -20.62
N LYS B 4 -0.83 16.77 -21.71
CA LYS B 4 0.44 16.08 -21.85
C LYS B 4 1.46 16.56 -20.81
N GLN B 5 1.55 17.87 -20.62
CA GLN B 5 2.42 18.41 -19.58
C GLN B 5 1.97 17.97 -18.19
N VAL B 6 0.65 17.94 -17.98
CA VAL B 6 0.09 17.42 -16.72
C VAL B 6 0.51 15.97 -16.51
N ALA B 7 0.31 15.12 -17.52
CA ALA B 7 0.71 13.71 -17.47
C ALA B 7 2.20 13.55 -17.13
N ASP B 8 3.05 14.37 -17.76
CA ASP B 8 4.49 14.39 -17.49
C ASP B 8 4.81 14.66 -16.01
N LYS B 9 4.17 15.67 -15.43
CA LYS B 9 4.37 16.01 -14.02
C LYS B 9 3.94 14.87 -13.11
N LEU B 10 2.77 14.29 -13.41
CA LEU B 10 2.25 13.17 -12.62
C LEU B 10 3.14 11.93 -12.67
N GLU B 11 3.76 11.65 -13.83
CA GLU B 11 4.66 10.49 -13.90
C GLU B 11 5.93 10.67 -13.08
N GLU B 12 6.42 11.91 -12.99
CA GLU B 12 7.57 12.18 -12.13
C GLU B 12 7.19 12.10 -10.66
N VAL B 13 6.00 12.61 -10.31
CA VAL B 13 5.54 12.50 -8.92
C VAL B 13 5.35 11.01 -8.59
N ALA B 14 4.74 10.26 -9.50
CA ALA B 14 4.54 8.83 -9.30
C ALA B 14 5.84 8.08 -8.95
N SER B 15 6.91 8.32 -9.73
CA SER B 15 8.18 7.62 -9.49
C SER B 15 8.87 8.06 -8.20
N LYS B 16 8.65 9.32 -7.80
CA LYS B 16 9.17 9.81 -6.52
C LYS B 16 8.47 9.09 -5.37
N LEU B 17 7.14 8.95 -5.49
CA LEU B 17 6.37 8.31 -4.45
C LEU B 17 6.75 6.83 -4.34
N TYR B 18 6.96 6.17 -5.48
CA TYR B 18 7.40 4.79 -5.49
C TYR B 18 8.77 4.65 -4.80
N HIS B 19 9.68 5.59 -5.08
CA HIS B 19 10.99 5.59 -4.43
C HIS B 19 10.87 5.77 -2.92
N ASN B 20 10.00 6.69 -2.50
CA ASN B 20 9.77 6.91 -1.08
C ASN B 20 9.12 5.71 -0.39
N ALA B 21 8.26 4.99 -1.10
CA ALA B 21 7.65 3.76 -0.56
C ALA B 21 8.74 2.72 -0.26
N ASN B 22 9.68 2.58 -1.19
CA ASN B 22 10.79 1.62 -1.02
C ASN B 22 11.65 2.00 0.17
N GLU B 23 11.89 3.31 0.32
CA GLU B 23 12.65 3.83 1.46
C GLU B 23 11.97 3.50 2.78
N LEU B 24 10.67 3.75 2.87
CA LEU B 24 9.95 3.41 4.09
C LEU B 24 9.87 1.91 4.35
N ALA B 25 9.69 1.13 3.30
CA ALA B 25 9.66 -0.33 3.44
C ALA B 25 10.98 -0.85 3.99
N ARG B 26 12.07 -0.22 3.58
CA ARG B 26 13.37 -0.67 4.02
C ARG B 26 13.59 -0.31 5.50
N VAL B 27 13.15 0.89 5.88
CA VAL B 27 13.24 1.31 7.28
C VAL B 27 12.34 0.40 8.15
N ALA B 28 11.15 0.08 7.65
CA ALA B 28 10.19 -0.75 8.39
C ALA B 28 10.76 -2.14 8.67
N LYS B 29 11.43 -2.71 7.67
CA LYS B 29 12.05 -4.03 7.82
C LYS B 29 13.10 -4.01 8.93
N LEU B 30 13.97 -3.00 8.91
CA LEU B 30 14.92 -2.73 9.99
C LEU B 30 14.26 -2.73 11.40
N LEU B 31 13.24 -1.90 11.58
CA LEU B 31 12.56 -1.75 12.87
C LEU B 31 11.83 -3.01 13.34
N GLY B 32 11.33 -3.80 12.40
CA GLY B 32 10.61 -5.02 12.70
C GLY B 32 11.52 -6.19 13.02
N GLU B 33 12.81 -6.02 12.79
CA GLU B 33 13.81 -7.05 13.08
C GLU B 33 14.41 -6.87 14.46
N MET C 1 4.32 1.08 24.18
CA MET C 1 4.21 0.75 22.73
C MET C 1 5.39 -0.10 22.28
N LYS C 2 5.14 -1.00 21.34
CA LYS C 2 6.18 -1.86 20.80
C LYS C 2 6.77 -1.28 19.52
N LEU C 3 8.07 -1.50 19.33
CA LEU C 3 8.76 -1.05 18.12
C LEU C 3 8.16 -1.66 16.85
N LYS C 4 7.74 -2.93 16.93
CA LYS C 4 7.07 -3.60 15.80
C LYS C 4 5.84 -2.82 15.34
N GLN C 5 5.13 -2.20 16.28
CA GLN C 5 3.93 -1.44 15.97
C GLN C 5 4.22 -0.16 15.17
N VAL C 6 5.36 0.47 15.47
CA VAL C 6 5.90 1.57 14.65
C VAL C 6 6.29 1.07 13.26
N ALA C 7 7.02 -0.04 13.20
CA ALA C 7 7.42 -0.64 11.91
C ALA C 7 6.18 -0.95 11.07
N ASP C 8 5.13 -1.47 11.72
CA ASP C 8 3.85 -1.74 11.08
C ASP C 8 3.22 -0.47 10.50
N LYS C 9 3.26 0.62 11.26
CA LYS C 9 2.76 1.89 10.75
C LYS C 9 3.53 2.34 9.50
N LEU C 10 4.85 2.19 9.51
CA LEU C 10 5.68 2.56 8.36
C LEU C 10 5.37 1.69 7.16
N GLU C 11 5.10 0.41 7.38
CA GLU C 11 4.65 -0.51 6.32
C GLU C 11 3.35 -0.02 5.68
N GLU C 12 2.40 0.40 6.51
CA GLU C 12 1.13 0.98 6.04
C GLU C 12 1.32 2.28 5.22
N VAL C 13 2.19 3.16 5.69
CA VAL C 13 2.47 4.40 4.95
C VAL C 13 3.09 4.04 3.59
N ALA C 14 3.98 3.07 3.60
CA ALA C 14 4.63 2.62 2.36
C ALA C 14 3.57 2.07 1.43
N SER C 15 2.60 1.35 1.99
CA SER C 15 1.50 0.82 1.18
C SER C 15 0.70 1.94 0.48
N LYS C 16 0.35 2.98 1.23
CA LYS C 16 -0.31 4.17 0.67
C LYS C 16 0.51 4.80 -0.46
N LEU C 17 1.83 4.80 -0.32
CA LEU C 17 2.71 5.40 -1.33
C LEU C 17 2.82 4.54 -2.59
N TYR C 18 2.96 3.22 -2.42
CA TYR C 18 2.89 2.31 -3.58
C TYR C 18 1.56 2.46 -4.30
N HIS C 19 0.49 2.55 -3.51
CA HIS C 19 -0.84 2.69 -4.12
C HIS C 19 -1.01 4.00 -4.87
N ASN C 20 -0.59 5.09 -4.24
CA ASN C 20 -0.64 6.41 -4.87
C ASN C 20 0.21 6.52 -6.10
N ALA C 21 1.36 5.86 -6.08
CA ALA C 21 2.24 5.84 -7.24
C ALA C 21 1.54 5.17 -8.42
N ASN C 22 0.89 4.05 -8.15
CA ASN C 22 0.13 3.37 -9.19
C ASN C 22 -1.01 4.23 -9.71
N GLU C 23 -1.75 4.87 -8.80
CA GLU C 23 -2.89 5.71 -9.19
C GLU C 23 -2.45 6.86 -10.08
N LEU C 24 -1.34 7.50 -9.74
CA LEU C 24 -0.82 8.60 -10.57
C LEU C 24 -0.33 8.08 -11.92
N ALA C 25 0.33 6.92 -11.96
CA ALA C 25 0.73 6.35 -13.25
C ALA C 25 -0.51 6.11 -14.13
N ARG C 26 -1.57 5.60 -13.51
CA ARG C 26 -2.82 5.33 -14.24
C ARG C 26 -3.44 6.61 -14.79
N VAL C 27 -3.51 7.66 -13.96
CA VAL C 27 -4.09 8.94 -14.36
C VAL C 27 -3.29 9.55 -15.52
N ALA C 28 -1.96 9.52 -15.39
CA ALA C 28 -1.07 9.99 -16.45
C ALA C 28 -1.30 9.27 -17.78
N LYS C 29 -1.54 7.95 -17.71
CA LYS C 29 -1.90 7.16 -18.89
C LYS C 29 -3.20 7.69 -19.49
N LEU C 30 -4.21 7.86 -18.64
CA LEU C 30 -5.53 8.41 -19.01
C LEU C 30 -5.40 9.75 -19.73
N LEU C 31 -4.57 10.64 -19.20
CA LEU C 31 -4.36 11.97 -19.76
C LEU C 31 -3.50 11.94 -21.02
N GLY C 32 -2.58 10.98 -21.09
CA GLY C 32 -1.80 10.73 -22.31
C GLY C 32 -2.72 10.28 -23.44
N GLU C 33 -3.85 9.69 -23.05
CA GLU C 33 -4.94 9.39 -23.97
C GLU C 33 -5.82 10.63 -24.07
N LYS D 2 -14.00 12.69 -17.46
CA LYS D 2 -14.15 14.13 -17.12
C LYS D 2 -12.91 14.64 -16.40
N LEU D 3 -12.49 15.86 -16.73
CA LEU D 3 -11.32 16.48 -16.08
C LEU D 3 -11.62 16.86 -14.63
N LYS D 4 -12.89 17.08 -14.32
CA LYS D 4 -13.31 17.34 -12.95
C LYS D 4 -13.04 16.13 -12.05
N GLN D 5 -13.39 14.92 -12.51
CA GLN D 5 -13.12 13.69 -11.73
C GLN D 5 -11.63 13.43 -11.49
N VAL D 6 -10.81 13.74 -12.48
CA VAL D 6 -9.37 13.57 -12.40
C VAL D 6 -8.82 14.56 -11.39
N ALA D 7 -9.24 15.83 -11.50
CA ALA D 7 -8.85 16.88 -10.55
C ALA D 7 -9.20 16.55 -9.10
N ASP D 8 -10.42 16.05 -8.89
CA ASP D 8 -10.87 15.61 -7.57
C ASP D 8 -9.98 14.48 -7.05
N LYS D 9 -9.60 13.57 -7.94
CA LYS D 9 -8.74 12.46 -7.55
C LYS D 9 -7.36 12.97 -7.16
N LEU D 10 -6.84 13.93 -7.91
CA LEU D 10 -5.54 14.52 -7.60
C LEU D 10 -5.54 15.27 -6.26
N GLU D 11 -6.65 15.94 -5.95
CA GLU D 11 -6.85 16.58 -4.65
C GLU D 11 -6.86 15.54 -3.54
N GLU D 12 -7.50 14.41 -3.79
CA GLU D 12 -7.53 13.32 -2.81
C GLU D 12 -6.14 12.70 -2.60
N VAL D 13 -5.38 12.53 -3.67
CA VAL D 13 -4.04 11.96 -3.51
C VAL D 13 -3.15 12.96 -2.74
N ALA D 14 -3.28 14.24 -3.06
CA ALA D 14 -2.64 15.31 -2.25
C ALA D 14 -2.98 15.20 -0.76
N SER D 15 -4.26 14.99 -0.42
CA SER D 15 -4.65 14.79 0.98
C SER D 15 -3.95 13.60 1.63
N LYS D 16 -3.86 12.48 0.90
CA LYS D 16 -3.14 11.30 1.40
C LYS D 16 -1.68 11.63 1.69
N LEU D 17 -1.08 12.42 0.80
CA LEU D 17 0.31 12.88 1.00
C LEU D 17 0.46 13.84 2.18
N TYR D 18 -0.44 14.83 2.29
CA TYR D 18 -0.42 15.70 3.49
C TYR D 18 -0.54 14.86 4.75
N HIS D 19 -1.42 13.86 4.70
CA HIS D 19 -1.65 13.06 5.90
C HIS D 19 -0.42 12.23 6.25
N ASN D 20 0.16 11.57 5.25
CA ASN D 20 1.36 10.75 5.43
C ASN D 20 2.54 11.54 5.96
N ALA D 21 2.73 12.75 5.42
CA ALA D 21 3.79 13.65 5.87
C ALA D 21 3.68 13.90 7.37
N ASN D 22 2.46 14.19 7.84
CA ASN D 22 2.24 14.45 9.25
C ASN D 22 2.43 13.18 10.08
N GLU D 23 1.98 12.05 9.56
CA GLU D 23 2.18 10.77 10.26
C GLU D 23 3.66 10.46 10.44
N LEU D 24 4.45 10.68 9.39
CA LEU D 24 5.89 10.43 9.46
C LEU D 24 6.58 11.35 10.45
N ALA D 25 6.16 12.62 10.49
CA ALA D 25 6.71 13.56 11.47
C ALA D 25 6.38 13.10 12.88
N ARG D 26 5.16 12.61 13.07
CA ARG D 26 4.72 12.09 14.37
C ARG D 26 5.54 10.86 14.80
N VAL D 27 5.74 9.94 13.86
CA VAL D 27 6.57 8.77 14.12
C VAL D 27 8.02 9.14 14.39
N ALA D 28 8.56 10.10 13.64
CA ALA D 28 9.93 10.55 13.86
C ALA D 28 10.11 11.05 15.28
N LYS D 29 9.11 11.79 15.77
CA LYS D 29 9.17 12.34 17.13
C LYS D 29 9.18 11.20 18.14
N LEU D 30 8.28 10.23 17.95
CA LEU D 30 8.20 9.04 18.81
C LEU D 30 9.53 8.36 18.89
N LEU D 31 10.10 8.02 17.73
CA LEU D 31 11.41 7.36 17.68
C LEU D 31 12.53 8.16 18.35
N GLY D 32 12.50 9.48 18.18
CA GLY D 32 13.51 10.35 18.81
C GLY D 32 13.53 10.29 20.33
N GLU D 33 12.37 10.07 20.94
CA GLU D 33 12.26 10.02 22.39
C GLU D 33 12.14 8.59 22.90
N ARG D 34 12.33 7.63 21.99
CA ARG D 34 12.22 6.20 22.33
C ARG D 34 13.45 5.70 23.10
N MET E 1 14.76 -11.31 -9.40
CA MET E 1 15.58 -11.31 -10.64
C MET E 1 15.01 -12.30 -11.66
N LYS E 2 15.42 -13.57 -11.54
CA LYS E 2 15.01 -14.63 -12.45
C LYS E 2 13.51 -14.91 -12.29
N LEU E 3 12.89 -15.39 -13.36
CA LEU E 3 11.46 -15.66 -13.39
C LEU E 3 11.10 -16.72 -12.36
N LYS E 4 12.00 -17.69 -12.18
CA LYS E 4 11.84 -18.72 -11.15
C LYS E 4 11.84 -18.11 -9.75
N GLN E 5 12.76 -17.17 -9.51
CA GLN E 5 12.80 -16.43 -8.24
C GLN E 5 11.53 -15.64 -8.02
N VAL E 6 11.02 -14.99 -9.07
CA VAL E 6 9.74 -14.26 -8.99
C VAL E 6 8.59 -15.18 -8.59
N ALA E 7 8.49 -16.32 -9.27
CA ALA E 7 7.49 -17.35 -8.97
C ALA E 7 7.57 -17.82 -7.51
N ASP E 8 8.80 -18.03 -7.03
CA ASP E 8 9.02 -18.47 -5.66
C ASP E 8 8.51 -17.41 -4.70
N LYS E 9 8.73 -16.13 -5.03
CA LYS E 9 8.24 -15.05 -4.18
C LYS E 9 6.72 -14.96 -4.16
N LEU E 10 6.10 -15.12 -5.34
CA LEU E 10 4.65 -15.14 -5.44
C LEU E 10 4.04 -16.29 -4.66
N GLU E 11 4.68 -17.44 -4.72
CA GLU E 11 4.28 -18.59 -3.93
C GLU E 11 4.33 -18.32 -2.41
N GLU E 12 5.40 -17.68 -1.97
CA GLU E 12 5.58 -17.27 -0.57
C GLU E 12 4.47 -16.31 -0.14
N VAL E 13 4.15 -15.34 -0.99
CA VAL E 13 3.07 -14.38 -0.67
C VAL E 13 1.71 -15.10 -0.62
N ALA E 14 1.47 -16.00 -1.57
CA ALA E 14 0.21 -16.76 -1.57
C ALA E 14 0.02 -17.52 -0.25
N SER E 15 1.09 -18.14 0.23
CA SER E 15 1.07 -18.88 1.51
C SER E 15 0.83 -17.94 2.68
N LYS E 16 1.49 -16.78 2.65
CA LYS E 16 1.27 -15.76 3.70
C LYS E 16 -0.19 -15.30 3.71
N LEU E 17 -0.74 -15.01 2.54
CA LEU E 17 -2.16 -14.60 2.44
C LEU E 17 -3.12 -15.66 2.96
N TYR E 18 -2.82 -16.91 2.65
CA TYR E 18 -3.57 -18.07 3.11
C TYR E 18 -3.63 -18.11 4.62
N HIS E 19 -2.49 -17.97 5.27
CA HIS E 19 -2.42 -17.93 6.73
C HIS E 19 -3.18 -16.74 7.33
N ASN E 20 -3.07 -15.59 6.67
CA ASN E 20 -3.78 -14.39 7.07
C ASN E 20 -5.29 -14.59 6.99
N ALA E 21 -5.75 -15.25 5.93
CA ALA E 21 -7.15 -15.54 5.69
C ALA E 21 -7.68 -16.53 6.72
N ASN E 22 -6.87 -17.52 7.05
CA ASN E 22 -7.22 -18.47 8.11
C ASN E 22 -7.39 -17.78 9.47
N GLU E 23 -6.47 -16.88 9.80
CA GLU E 23 -6.51 -16.21 11.10
C GLU E 23 -7.76 -15.33 11.19
N LEU E 24 -8.05 -14.62 10.10
CA LEU E 24 -9.26 -13.80 10.01
C LEU E 24 -10.54 -14.64 10.10
N ALA E 25 -10.56 -15.79 9.44
CA ALA E 25 -11.74 -16.66 9.49
C ALA E 25 -12.00 -17.14 10.91
N ARG E 26 -10.93 -17.54 11.59
CA ARG E 26 -11.01 -18.00 12.97
C ARG E 26 -11.57 -16.95 13.92
N VAL E 27 -11.16 -15.70 13.77
CA VAL E 27 -11.63 -14.64 14.67
C VAL E 27 -13.11 -14.31 14.41
N ALA E 28 -13.50 -14.35 13.14
CA ALA E 28 -14.87 -14.08 12.75
C ALA E 28 -15.78 -15.13 13.37
N LYS E 29 -15.24 -16.35 13.51
CA LYS E 29 -15.91 -17.45 14.20
C LYS E 29 -16.01 -17.22 15.71
N LEU E 30 -14.93 -16.74 16.32
CA LEU E 30 -14.99 -16.30 17.72
C LEU E 30 -16.13 -15.30 17.89
N LEU E 31 -16.22 -14.35 16.96
CA LEU E 31 -17.35 -13.44 16.87
C LEU E 31 -18.53 -14.13 16.19
N LEU F 3 -11.98 -8.72 23.91
CA LEU F 3 -12.29 -7.94 22.68
C LEU F 3 -11.13 -7.04 22.30
N LYS F 4 -10.33 -6.65 23.29
CA LYS F 4 -9.10 -5.89 23.09
C LYS F 4 -8.10 -6.71 22.27
N GLN F 5 -7.92 -7.96 22.68
CA GLN F 5 -6.97 -8.88 22.04
C GLN F 5 -7.46 -9.34 20.66
N VAL F 6 -8.77 -9.34 20.47
CA VAL F 6 -9.37 -9.59 19.14
C VAL F 6 -9.01 -8.43 18.22
N ALA F 7 -9.16 -7.20 18.74
CA ALA F 7 -8.80 -6.00 17.98
C ALA F 7 -7.33 -6.00 17.61
N ASP F 8 -6.48 -6.41 18.56
CA ASP F 8 -5.03 -6.41 18.39
C ASP F 8 -4.57 -7.35 17.28
N LYS F 9 -5.26 -8.48 17.13
CA LYS F 9 -4.89 -9.47 16.11
C LYS F 9 -5.50 -9.16 14.75
N LEU F 10 -6.65 -8.49 14.73
CA LEU F 10 -7.18 -7.94 13.49
C LEU F 10 -6.24 -6.86 12.97
N GLU F 11 -5.66 -6.07 13.87
CA GLU F 11 -4.60 -5.12 13.48
C GLU F 11 -3.34 -5.85 13.06
N GLU F 12 -3.07 -6.98 13.70
CA GLU F 12 -1.92 -7.83 13.37
C GLU F 12 -2.01 -8.31 11.92
N VAL F 13 -3.17 -8.83 11.53
CA VAL F 13 -3.36 -9.31 10.16
C VAL F 13 -3.38 -8.12 9.18
N ALA F 14 -3.97 -7.00 9.57
CA ALA F 14 -3.96 -5.82 8.70
C ALA F 14 -2.53 -5.47 8.33
N SER F 15 -1.64 -5.44 9.34
CA SER F 15 -0.23 -5.13 9.13
C SER F 15 0.45 -6.14 8.21
N LYS F 16 0.13 -7.41 8.38
CA LYS F 16 0.67 -8.46 7.51
C LYS F 16 0.19 -8.29 6.06
N LEU F 17 -1.07 -7.92 5.90
CA LEU F 17 -1.62 -7.65 4.58
C LEU F 17 -0.96 -6.46 3.88
N TYR F 18 -0.62 -5.41 4.63
CA TYR F 18 0.11 -4.28 4.02
C TYR F 18 1.47 -4.76 3.51
N HIS F 19 2.18 -5.51 4.33
CA HIS F 19 3.45 -6.10 3.91
C HIS F 19 3.31 -6.92 2.62
N ASN F 20 2.28 -7.79 2.56
CA ASN F 20 2.04 -8.63 1.38
C ASN F 20 1.72 -7.77 0.16
N ALA F 21 0.90 -6.73 0.35
CA ALA F 21 0.55 -5.81 -0.74
C ALA F 21 1.79 -5.11 -1.29
N ASN F 22 2.67 -4.72 -0.39
CA ASN F 22 3.90 -4.01 -0.75
C ASN F 22 4.84 -4.91 -1.54
N GLU F 23 4.95 -6.17 -1.13
CA GLU F 23 5.80 -7.09 -1.87
C GLU F 23 5.26 -7.31 -3.29
N LEU F 24 3.94 -7.45 -3.42
CA LEU F 24 3.34 -7.55 -4.74
C LEU F 24 3.56 -6.30 -5.58
N ALA F 25 3.51 -5.12 -4.96
CA ALA F 25 3.68 -3.87 -5.67
C ALA F 25 5.09 -3.77 -6.24
N ARG F 26 6.08 -4.22 -5.46
CA ARG F 26 7.47 -4.23 -5.95
C ARG F 26 7.65 -5.27 -7.06
N VAL F 27 7.07 -6.45 -6.91
CA VAL F 27 7.18 -7.47 -7.97
C VAL F 27 6.49 -7.02 -9.26
N ALA F 28 5.32 -6.38 -9.14
CA ALA F 28 4.63 -5.88 -10.32
C ALA F 28 5.48 -4.83 -11.05
N LYS F 29 6.12 -3.95 -10.29
CA LYS F 29 6.98 -2.92 -10.89
C LYS F 29 8.17 -3.58 -11.61
N LEU F 30 8.78 -4.56 -10.95
CA LEU F 30 9.90 -5.34 -11.51
C LEU F 30 9.54 -5.99 -12.85
N LEU F 31 8.40 -6.67 -12.89
CA LEU F 31 7.96 -7.39 -14.09
C LEU F 31 7.43 -6.46 -15.16
N GLY F 32 7.00 -5.27 -14.73
CA GLY F 32 6.44 -4.27 -15.64
C GLY F 32 7.51 -3.52 -16.39
N GLU F 33 8.76 -3.65 -15.94
CA GLU F 33 9.91 -3.19 -16.71
C GLU F 33 10.38 -4.34 -17.58
N ARG F 34 9.88 -5.53 -17.24
CA ARG F 34 10.01 -6.76 -18.00
C ARG F 34 11.42 -7.37 -18.06
N MET G 1 3.29 -15.65 -21.48
CA MET G 1 2.56 -14.98 -20.39
C MET G 1 2.05 -13.61 -20.81
N LYS G 2 2.87 -12.92 -21.61
CA LYS G 2 2.89 -11.46 -21.66
C LYS G 2 3.18 -10.97 -20.25
N LEU G 3 4.47 -10.88 -19.91
CA LEU G 3 4.87 -10.45 -18.56
C LEU G 3 4.24 -9.13 -18.13
N LYS G 4 4.00 -8.23 -19.09
CA LYS G 4 3.28 -7.00 -18.78
C LYS G 4 1.85 -7.26 -18.29
N GLN G 5 1.18 -8.25 -18.90
CA GLN G 5 -0.15 -8.68 -18.44
C GLN G 5 -0.11 -9.28 -17.04
N VAL G 6 0.92 -10.10 -16.78
CA VAL G 6 1.14 -10.65 -15.44
C VAL G 6 1.37 -9.53 -14.41
N ALA G 7 2.21 -8.55 -14.79
CA ALA G 7 2.52 -7.42 -13.93
C ALA G 7 1.25 -6.65 -13.60
N ASP G 8 0.42 -6.42 -14.62
CA ASP G 8 -0.86 -5.73 -14.45
C ASP G 8 -1.76 -6.45 -13.46
N LYS G 9 -1.78 -7.78 -13.55
CA LYS G 9 -2.56 -8.61 -12.63
C LYS G 9 -2.05 -8.52 -11.21
N LEU G 10 -0.74 -8.62 -11.03
CA LEU G 10 -0.14 -8.50 -9.69
C LEU G 10 -0.39 -7.15 -9.07
N GLU G 11 -0.37 -6.10 -9.88
CA GLU G 11 -0.71 -4.77 -9.43
C GLU G 11 -2.17 -4.71 -8.93
N GLU G 12 -3.06 -5.36 -9.66
CA GLU G 12 -4.47 -5.42 -9.29
C GLU G 12 -4.65 -6.13 -7.95
N VAL G 13 -3.94 -7.24 -7.77
CA VAL G 13 -4.00 -7.96 -6.49
C VAL G 13 -3.41 -7.12 -5.34
N ALA G 14 -2.28 -6.46 -5.57
CA ALA G 14 -1.72 -5.57 -4.56
C ALA G 14 -2.76 -4.52 -4.11
N SER G 15 -3.48 -3.96 -5.08
CA SER G 15 -4.48 -2.92 -4.78
C SER G 15 -5.66 -3.51 -4.00
N LYS G 16 -6.07 -4.73 -4.37
CA LYS G 16 -7.14 -5.44 -3.67
C LYS G 16 -6.73 -5.70 -2.22
N LEU G 17 -5.49 -6.17 -2.05
CA LEU G 17 -4.97 -6.48 -0.72
C LEU G 17 -4.88 -5.23 0.15
N TYR G 18 -4.50 -4.13 -0.47
CA TYR G 18 -4.44 -2.80 0.17
C TYR G 18 -5.79 -2.40 0.76
N HIS G 19 -6.83 -2.52 -0.06
CA HIS G 19 -8.19 -2.18 0.37
C HIS G 19 -8.71 -3.13 1.44
N ASN G 20 -8.39 -4.42 1.29
CA ASN G 20 -8.73 -5.39 2.33
C ASN G 20 -8.11 -5.03 3.68
N ALA G 21 -6.85 -4.60 3.65
CA ALA G 21 -6.11 -4.29 4.87
C ALA G 21 -6.70 -3.06 5.55
N ASN G 22 -7.07 -2.08 4.74
CA ASN G 22 -7.67 -0.82 5.24
C ASN G 22 -8.99 -1.13 5.93
N GLU G 23 -9.80 -1.98 5.29
CA GLU G 23 -11.05 -2.42 5.89
C GLU G 23 -10.80 -3.11 7.23
N LEU G 24 -9.80 -3.99 7.28
CA LEU G 24 -9.50 -4.71 8.53
C LEU G 24 -9.02 -3.77 9.63
N ALA G 25 -8.13 -2.86 9.26
CA ALA G 25 -7.62 -1.83 10.17
C ALA G 25 -8.73 -0.99 10.79
N ARG G 26 -9.71 -0.62 9.96
CA ARG G 26 -10.83 0.18 10.46
C ARG G 26 -11.72 -0.61 11.42
N VAL G 27 -11.96 -1.86 11.10
CA VAL G 27 -12.76 -2.73 11.96
C VAL G 27 -12.08 -2.96 13.31
N ALA G 28 -10.76 -3.19 13.27
CA ALA G 28 -9.95 -3.35 14.48
C ALA G 28 -10.07 -2.11 15.35
N LYS G 29 -10.04 -0.95 14.71
CA LYS G 29 -10.30 0.33 15.36
C LYS G 29 -11.68 0.36 16.02
N LEU G 30 -12.69 -0.03 15.24
CA LEU G 30 -14.09 -0.01 15.67
C LEU G 30 -14.34 -0.85 16.92
N LEU G 31 -13.67 -1.99 17.03
CA LEU G 31 -13.80 -2.90 18.17
C LEU G 31 -13.23 -2.28 19.45
N GLY G 32 -12.46 -1.21 19.28
CA GLY G 32 -12.12 -0.35 20.40
C GLY G 32 -13.31 0.48 20.86
N GLU G 33 -14.05 1.03 19.89
CA GLU G 33 -15.22 1.86 20.18
C GLU G 33 -16.35 1.05 20.79
N LEU H 3 -22.95 -6.79 15.96
CA LEU H 3 -21.65 -7.53 16.00
C LEU H 3 -21.64 -8.67 14.99
N LYS H 4 -22.82 -9.23 14.70
CA LYS H 4 -22.96 -10.20 13.61
C LYS H 4 -22.57 -9.57 12.28
N GLN H 5 -22.82 -8.26 12.15
CA GLN H 5 -22.44 -7.49 10.97
C GLN H 5 -20.92 -7.40 10.85
N VAL H 6 -20.24 -7.23 11.98
CA VAL H 6 -18.78 -7.25 12.02
C VAL H 6 -18.26 -8.62 11.55
N ALA H 7 -18.77 -9.67 12.18
CA ALA H 7 -18.37 -11.04 11.83
C ALA H 7 -18.60 -11.35 10.36
N ASP H 8 -19.76 -10.93 9.85
CA ASP H 8 -20.13 -11.12 8.44
C ASP H 8 -19.15 -10.40 7.51
N LYS H 9 -18.73 -9.21 7.92
CA LYS H 9 -17.77 -8.41 7.16
C LYS H 9 -16.37 -9.06 7.17
N LEU H 10 -15.94 -9.51 8.35
CA LEU H 10 -14.68 -10.24 8.52
C LEU H 10 -14.62 -11.53 7.69
N GLU H 11 -15.72 -12.26 7.65
CA GLU H 11 -15.78 -13.44 6.79
C GLU H 11 -15.71 -13.08 5.32
N GLU H 12 -16.26 -11.91 4.96
CA GLU H 12 -16.24 -11.43 3.58
C GLU H 12 -14.82 -11.06 3.13
N VAL H 13 -14.06 -10.44 4.03
CA VAL H 13 -12.66 -10.10 3.76
C VAL H 13 -11.82 -11.38 3.68
N ALA H 14 -12.04 -12.31 4.62
CA ALA H 14 -11.36 -13.62 4.55
C ALA H 14 -11.58 -14.28 3.20
N SER H 15 -12.82 -14.26 2.72
CA SER H 15 -13.12 -14.89 1.43
C SER H 15 -12.36 -14.22 0.29
N LYS H 16 -12.24 -12.89 0.33
CA LYS H 16 -11.48 -12.14 -0.67
C LYS H 16 -10.00 -12.50 -0.61
N LEU H 17 -9.48 -12.68 0.61
CA LEU H 17 -8.10 -13.10 0.81
C LEU H 17 -7.84 -14.51 0.25
N TYR H 18 -8.75 -15.44 0.47
CA TYR H 18 -8.60 -16.78 -0.14
C TYR H 18 -8.56 -16.67 -1.67
N HIS H 19 -9.49 -15.91 -2.23
CA HIS H 19 -9.54 -15.73 -3.68
C HIS H 19 -8.22 -15.14 -4.20
N ASN H 20 -7.73 -14.10 -3.53
CA ASN H 20 -6.46 -13.49 -3.93
C ASN H 20 -5.27 -14.45 -3.82
N ALA H 21 -5.23 -15.22 -2.73
CA ALA H 21 -4.19 -16.24 -2.52
C ALA H 21 -4.19 -17.24 -3.66
N ASN H 22 -5.39 -17.68 -4.07
CA ASN H 22 -5.55 -18.68 -5.14
C ASN H 22 -5.09 -18.15 -6.49
N GLU H 23 -5.41 -16.89 -6.77
CA GLU H 23 -4.96 -16.18 -7.99
C GLU H 23 -3.44 -16.18 -8.03
N LEU H 24 -2.82 -15.82 -6.91
CA LEU H 24 -1.36 -15.86 -6.82
C LEU H 24 -0.74 -17.25 -6.97
N ALA H 25 -1.38 -18.27 -6.41
CA ALA H 25 -0.86 -19.63 -6.59
C ALA H 25 -0.85 -20.03 -8.06
N ARG H 26 -1.89 -19.61 -8.80
CA ARG H 26 -1.99 -19.94 -10.23
C ARG H 26 -0.98 -19.10 -11.05
N VAL H 27 -0.80 -17.84 -10.67
CA VAL H 27 0.17 -16.98 -11.38
C VAL H 27 1.60 -17.52 -11.15
N ALA H 28 1.88 -17.92 -9.91
CA ALA H 28 3.17 -18.54 -9.55
C ALA H 28 3.45 -19.76 -10.42
N LYS H 29 2.43 -20.60 -10.61
CA LYS H 29 2.53 -21.75 -11.52
C LYS H 29 2.80 -21.34 -12.95
N LEU H 30 2.10 -20.31 -13.42
CA LEU H 30 2.27 -19.77 -14.77
C LEU H 30 3.71 -19.30 -15.00
N LEU H 31 4.28 -18.66 -13.99
CA LEU H 31 5.64 -18.12 -14.08
C LEU H 31 6.71 -19.15 -13.80
N GLY H 32 6.32 -20.26 -13.18
CA GLY H 32 7.25 -21.26 -12.70
C GLY H 32 7.78 -22.16 -13.80
N GLU H 33 6.94 -22.38 -14.81
CA GLU H 33 7.28 -23.29 -15.90
C GLU H 33 7.19 -22.61 -17.27
#